data_7ZNV
#
_entry.id   7ZNV
#
_cell.length_a   50.851
_cell.length_b   74.168
_cell.length_c   154.535
_cell.angle_alpha   90.000
_cell.angle_beta   90.000
_cell.angle_gamma   90.000
#
_symmetry.space_group_name_H-M   'C 2 2 21'
#
loop_
_entity.id
_entity.type
_entity.pdbx_description
1 polymer 'artificial unspecific peroxygenase'
2 branched 2-acetamido-2-deoxy-beta-D-glucopyranose-(1-4)-2-acetamido-2-deoxy-beta-D-glucopyranose
3 non-polymer 'PROTOPORPHYRIN IX CONTAINING FE'
4 non-polymer 2-acetamido-2-deoxy-beta-D-glucopyranose
5 non-polymer 'MAGNESIUM ION'
6 water water
#
_entity_poly.entity_id   1
_entity_poly.type   'polypeptide(L)'
_entity_poly.pdbx_seq_one_letter_code
;SQDIVDFSQHPWKAPGPNDLRSPCPGLNTLANHGFLPRNGRNITIPMIVQAGFDGYNVQPDILILAAKVGLLTSPEPDTF
TLDDLKLHGTIEHDASLSREDFALGDNLHFNEAIFNTLANSNPGSDVYNITSAGQVLKDRLADSLARNPNVTNTGKEFTI
RTLESAFYLSVMGNATTGEAPKNFVQIFFREERLPIEEGWKRSTTPITSDTLNPIAGQISEASNWKPNPDQCPWIVLSPN
L
;
_entity_poly.pdbx_strand_id   A
#
loop_
_chem_comp.id
_chem_comp.type
_chem_comp.name
_chem_comp.formula
HEM non-polymer 'PROTOPORPHYRIN IX CONTAINING FE' 'C34 H32 Fe N4 O4'
MG non-polymer 'MAGNESIUM ION' 'Mg 2'
NAG D-saccharide, beta linking 2-acetamido-2-deoxy-beta-D-glucopyranose 'C8 H15 N O6'
#
# COMPACT_ATOMS: atom_id res chain seq x y z
N SER A 8 -20.33 -3.34 -12.15
CA SER A 8 -20.41 -3.40 -13.65
C SER A 8 -20.31 -1.98 -14.27
N GLN A 9 -20.59 -0.91 -13.50
CA GLN A 9 -20.35 0.51 -13.88
C GLN A 9 -18.88 0.95 -13.62
N HIS A 10 -18.05 0.02 -13.16
CA HIS A 10 -16.64 0.28 -12.77
C HIS A 10 -15.77 -0.79 -13.35
N PRO A 11 -15.75 -0.96 -14.70
CA PRO A 11 -14.91 -1.96 -15.29
C PRO A 11 -13.43 -1.60 -15.14
N TRP A 12 -12.60 -2.60 -15.14
CA TRP A 12 -11.14 -2.38 -15.19
C TRP A 12 -10.74 -1.89 -16.57
N LYS A 13 -9.91 -0.88 -16.67
CA LYS A 13 -9.26 -0.47 -17.93
C LYS A 13 -7.80 -0.19 -17.56
N ALA A 14 -6.85 -0.67 -18.35
CA ALA A 14 -5.42 -0.35 -18.18
C ALA A 14 -5.19 1.15 -18.33
N PRO A 15 -4.27 1.70 -17.53
CA PRO A 15 -3.92 3.11 -17.71
C PRO A 15 -3.25 3.28 -19.08
N GLY A 16 -3.61 4.36 -19.74
CA GLY A 16 -2.88 4.83 -20.91
C GLY A 16 -1.78 5.78 -20.49
N PRO A 17 -1.01 6.30 -21.45
CA PRO A 17 0.17 7.11 -21.13
C PRO A 17 -0.15 8.39 -20.38
N ASN A 18 -1.31 8.95 -20.53
CA ASN A 18 -1.71 10.17 -19.80
C ASN A 18 -2.23 9.87 -18.40
N ASP A 19 -2.49 8.62 -18.12
CA ASP A 19 -3.18 8.23 -16.88
C ASP A 19 -2.12 7.97 -15.81
N LEU A 20 -1.98 8.91 -14.90
CA LEU A 20 -0.93 8.85 -13.87
C LEU A 20 -1.30 7.79 -12.82
N ARG A 21 -0.33 7.07 -12.29
CA ARG A 21 -0.43 6.07 -11.21
C ARG A 21 0.74 6.28 -10.24
N SER A 22 0.43 5.66 -9.06
CA SER A 22 1.20 5.85 -7.81
C SER A 22 2.00 4.61 -7.51
N PRO A 23 2.71 4.61 -6.37
CA PRO A 23 3.32 3.38 -5.88
C PRO A 23 2.36 2.47 -5.10
N CYS A 24 1.08 2.85 -5.06
CA CYS A 24 0.08 2.24 -4.19
C CYS A 24 -0.86 1.36 -4.98
N PRO A 25 -0.85 0.04 -4.81
CA PRO A 25 -1.81 -0.82 -5.51
C PRO A 25 -3.24 -0.49 -5.10
N GLY A 26 -3.46 -0.01 -3.88
CA GLY A 26 -4.80 0.32 -3.42
C GLY A 26 -5.40 1.42 -4.26
N LEU A 27 -4.74 2.55 -4.34
CA LEU A 27 -5.24 3.68 -5.13
C LEU A 27 -5.23 3.37 -6.60
N ASN A 28 -4.19 2.69 -7.08
CA ASN A 28 -4.09 2.42 -8.52
C ASN A 28 -5.25 1.54 -8.97
N THR A 29 -5.61 0.55 -8.18
CA THR A 29 -6.74 -0.33 -8.53
C THR A 29 -8.04 0.49 -8.52
N LEU A 30 -8.23 1.37 -7.59
CA LEU A 30 -9.40 2.24 -7.57
C LEU A 30 -9.42 3.06 -8.84
N ALA A 31 -8.32 3.64 -9.30
CA ALA A 31 -8.31 4.43 -10.53
C ALA A 31 -8.60 3.55 -11.73
N ASN A 32 -8.03 2.38 -11.77
CA ASN A 32 -8.21 1.50 -12.94
C ASN A 32 -9.64 1.04 -13.08
N HIS A 33 -10.45 1.16 -12.05
CA HIS A 33 -11.89 0.86 -12.09
C HIS A 33 -12.72 2.13 -12.14
N GLY A 34 -12.12 3.31 -12.15
CA GLY A 34 -12.93 4.53 -12.20
C GLY A 34 -13.55 4.91 -10.90
N PHE A 35 -13.18 4.32 -9.77
CA PHE A 35 -13.60 4.86 -8.47
C PHE A 35 -12.86 6.16 -8.15
N LEU A 36 -11.58 6.20 -8.46
CA LEU A 36 -10.84 7.44 -8.58
C LEU A 36 -10.81 7.78 -10.07
N PRO A 37 -10.52 9.01 -10.44
CA PRO A 37 -10.43 9.34 -11.87
C PRO A 37 -9.47 8.38 -12.56
N ARG A 38 -9.84 7.89 -13.73
CA ARG A 38 -9.01 7.01 -14.50
C ARG A 38 -7.71 7.68 -14.90
N ASN A 39 -7.70 9.00 -15.03
CA ASN A 39 -6.47 9.70 -15.42
C ASN A 39 -5.52 9.97 -14.24
N GLY A 40 -5.93 9.57 -13.03
CA GLY A 40 -5.04 9.75 -11.85
C GLY A 40 -4.76 11.18 -11.51
N ARG A 41 -5.57 12.13 -11.93
CA ARG A 41 -5.25 13.56 -11.75
C ARG A 41 -6.36 14.22 -10.95
N ASN A 42 -6.03 15.38 -10.36
CA ASN A 42 -7.04 16.27 -9.77
CA ASN A 42 -6.98 16.31 -9.72
C ASN A 42 -7.78 15.60 -8.61
N ILE A 43 -7.07 14.84 -7.76
CA ILE A 43 -7.65 14.06 -6.67
C ILE A 43 -7.68 14.86 -5.39
N THR A 44 -8.84 15.00 -4.81
CA THR A 44 -9.03 15.66 -3.52
C THR A 44 -9.15 14.62 -2.39
N ILE A 45 -9.06 15.09 -1.16
CA ILE A 45 -9.28 14.21 -0.01
C ILE A 45 -10.65 13.56 -0.04
N PRO A 46 -11.77 14.30 -0.27
CA PRO A 46 -13.06 13.60 -0.32
C PRO A 46 -13.15 12.56 -1.42
N MET A 47 -12.48 12.78 -2.53
CA MET A 47 -12.47 11.74 -3.59
C MET A 47 -11.81 10.47 -3.08
N ILE A 48 -10.68 10.58 -2.37
CA ILE A 48 -10.00 9.39 -1.83
C ILE A 48 -10.95 8.69 -0.86
N VAL A 49 -11.60 9.46 0.04
CA VAL A 49 -12.46 8.86 1.07
C VAL A 49 -13.63 8.11 0.40
N GLN A 50 -14.21 8.74 -0.60
CA GLN A 50 -15.37 8.12 -1.32
CA GLN A 50 -15.36 8.06 -1.23
C GLN A 50 -14.91 6.86 -2.04
N ALA A 51 -13.78 6.93 -2.73
CA ALA A 51 -13.30 5.82 -3.55
C ALA A 51 -12.94 4.64 -2.65
N GLY A 52 -12.26 4.87 -1.54
CA GLY A 52 -11.91 3.78 -0.64
C GLY A 52 -13.13 3.11 -0.06
N PHE A 53 -14.16 3.90 0.23
CA PHE A 53 -15.43 3.34 0.72
C PHE A 53 -16.07 2.50 -0.41
N ASP A 54 -16.22 3.08 -1.56
CA ASP A 54 -16.98 2.40 -2.62
C ASP A 54 -16.25 1.16 -3.06
N GLY A 55 -14.95 1.20 -3.30
CA GLY A 55 -14.23 0.02 -3.79
C GLY A 55 -14.04 -1.04 -2.75
N TYR A 56 -13.70 -0.67 -1.53
CA TYR A 56 -13.17 -1.61 -0.53
C TYR A 56 -13.91 -1.69 0.77
N ASN A 57 -14.86 -0.75 0.97
CA ASN A 57 -15.51 -0.59 2.31
C ASN A 57 -14.50 -0.17 3.39
N VAL A 58 -13.50 0.62 2.94
CA VAL A 58 -12.56 1.25 3.91
C VAL A 58 -13.17 2.58 4.35
N GLN A 59 -13.12 2.77 5.64
CA GLN A 59 -13.78 3.93 6.27
C GLN A 59 -12.87 5.14 6.36
N PRO A 60 -13.44 6.31 6.65
CA PRO A 60 -12.68 7.54 6.47
C PRO A 60 -11.49 7.69 7.40
N ASP A 61 -11.46 7.37 8.64
N ASP A 61 -11.53 7.01 8.59
CA ASP A 61 -10.36 8.04 9.39
CA ASP A 61 -10.61 7.09 9.79
C ASP A 61 -8.96 7.86 8.77
C ASP A 61 -9.14 6.69 9.49
N ILE A 62 -8.65 6.70 8.26
CA ILE A 62 -7.30 6.36 7.95
C ILE A 62 -6.99 6.92 6.49
N LEU A 63 -8.12 6.87 5.77
CA LEU A 63 -7.97 7.46 4.47
C LEU A 63 -7.72 8.96 4.57
N ILE A 64 -8.45 9.63 5.48
CA ILE A 64 -8.28 11.10 5.62
C ILE A 64 -6.84 11.45 6.00
N LEU A 65 -6.23 10.79 6.94
CA LEU A 65 -4.90 11.14 7.35
C LEU A 65 -3.92 10.91 6.22
N ALA A 66 -3.97 9.71 5.59
CA ALA A 66 -3.10 9.39 4.46
C ALA A 66 -3.23 10.42 3.35
N ALA A 67 -4.48 10.79 3.04
CA ALA A 67 -4.70 11.74 1.98
C ALA A 67 -4.17 13.15 2.31
N LYS A 68 -4.34 13.55 3.56
CA LYS A 68 -3.76 14.85 3.99
C LYS A 68 -2.25 14.83 3.84
N VAL A 69 -1.61 13.75 4.22
CA VAL A 69 -0.14 13.64 4.07
C VAL A 69 0.17 13.61 2.58
N GLY A 70 -0.61 12.87 1.78
CA GLY A 70 -0.39 12.82 0.36
C GLY A 70 -0.43 14.19 -0.28
N LEU A 71 -1.28 15.09 0.21
CA LEU A 71 -1.29 16.46 -0.37
C LEU A 71 0.06 17.15 -0.29
N LEU A 72 0.90 16.76 0.69
CA LEU A 72 2.23 17.38 0.82
C LEU A 72 3.07 17.10 -0.39
N THR A 73 2.81 16.02 -1.11
CA THR A 73 3.60 15.63 -2.30
C THR A 73 3.29 16.48 -3.51
N SER A 74 2.26 17.31 -3.42
CA SER A 74 1.73 18.06 -4.56
C SER A 74 1.97 19.54 -4.36
N PRO A 75 2.28 20.30 -5.44
CA PRO A 75 2.37 21.75 -5.35
C PRO A 75 1.00 22.39 -5.35
N GLU A 76 -0.04 21.69 -5.68
CA GLU A 76 -1.38 22.30 -5.78
C GLU A 76 -2.00 22.52 -4.44
N PRO A 77 -2.99 23.43 -4.32
CA PRO A 77 -3.56 23.71 -3.05
C PRO A 77 -4.25 22.53 -2.38
N ASP A 78 -5.05 21.77 -3.09
CA ASP A 78 -5.94 20.79 -2.43
C ASP A 78 -6.14 19.51 -3.25
N THR A 79 -5.31 19.31 -4.23
CA THR A 79 -5.30 18.05 -4.99
C THR A 79 -3.89 17.52 -5.09
N PHE A 80 -3.83 16.24 -5.38
CA PHE A 80 -2.62 15.59 -5.88
C PHE A 80 -2.97 14.75 -7.08
N THR A 81 -1.93 14.40 -7.81
CA THR A 81 -2.05 13.29 -8.76
C THR A 81 -1.47 12.03 -8.17
N LEU A 82 -1.83 10.89 -8.73
CA LEU A 82 -1.29 9.64 -8.21
C LEU A 82 0.22 9.62 -8.36
N ASP A 83 0.76 10.23 -9.42
CA ASP A 83 2.22 10.23 -9.65
C ASP A 83 2.94 11.04 -8.55
N ASP A 84 2.31 12.08 -8.05
CA ASP A 84 2.95 12.89 -7.01
C ASP A 84 3.33 12.03 -5.81
N LEU A 85 2.51 11.03 -5.50
CA LEU A 85 2.67 10.22 -4.29
C LEU A 85 3.94 9.40 -4.32
N LYS A 86 4.67 9.35 -5.41
CA LYS A 86 5.98 8.71 -5.42
C LYS A 86 7.01 9.45 -4.59
N LEU A 87 6.78 10.67 -4.13
CA LEU A 87 7.83 11.46 -3.50
C LEU A 87 8.42 10.68 -2.33
N HIS A 88 9.72 10.39 -2.45
CA HIS A 88 10.40 9.59 -1.44
C HIS A 88 10.43 10.27 -0.09
N GLY A 89 9.98 9.60 0.96
CA GLY A 89 10.14 10.13 2.31
C GLY A 89 8.93 10.83 2.85
N THR A 90 7.89 11.05 2.04
CA THR A 90 6.60 11.54 2.54
C THR A 90 5.84 10.34 3.05
N ILE A 91 5.29 9.56 2.11
CA ILE A 91 4.74 8.23 2.46
C ILE A 91 5.68 7.18 1.86
N GLU A 92 6.02 7.35 0.58
CA GLU A 92 6.88 6.36 -0.12
C GLU A 92 8.14 6.08 0.70
N HIS A 93 8.44 4.80 0.80
CA HIS A 93 9.53 4.34 1.68
C HIS A 93 10.26 3.14 1.06
N ASP A 94 11.45 2.91 1.57
CA ASP A 94 12.23 1.72 1.23
C ASP A 94 11.58 0.45 1.74
N ALA A 95 12.01 -0.67 1.24
CA ALA A 95 11.54 -1.98 1.65
C ALA A 95 10.04 -2.10 1.34
N SER A 96 9.66 -1.68 0.17
CA SER A 96 8.32 -1.94 -0.38
C SER A 96 8.18 -3.39 -0.75
N LEU A 97 6.93 -3.85 -0.85
CA LEU A 97 6.58 -5.21 -1.24
C LEU A 97 6.71 -5.49 -2.70
N SER A 98 6.65 -4.48 -3.54
CA SER A 98 6.52 -4.68 -4.97
C SER A 98 7.22 -3.64 -5.82
N ARG A 99 7.91 -2.70 -5.17
CA ARG A 99 8.66 -1.63 -5.83
C ARG A 99 10.08 -1.69 -5.34
N GLU A 100 11.00 -1.15 -6.15
CA GLU A 100 12.41 -0.98 -5.73
C GLU A 100 12.55 0.24 -4.85
N ASP A 101 13.62 0.27 -4.05
CA ASP A 101 13.96 1.45 -3.29
C ASP A 101 14.35 2.60 -4.21
N PHE A 102 13.99 3.79 -3.86
CA PHE A 102 14.36 5.01 -4.60
C PHE A 102 15.85 5.05 -4.90
N ALA A 103 16.73 4.72 -3.98
CA ALA A 103 18.17 4.83 -4.23
C ALA A 103 18.58 3.73 -5.15
N LEU A 104 17.89 2.66 -5.36
CA LEU A 104 18.31 1.50 -6.14
C LEU A 104 17.67 1.47 -7.51
N GLY A 105 16.54 2.08 -7.70
CA GLY A 105 15.83 1.89 -8.95
C GLY A 105 14.51 2.63 -8.94
N ASP A 106 13.49 1.98 -9.45
CA ASP A 106 12.18 2.60 -9.72
C ASP A 106 11.29 2.41 -8.49
N ASN A 107 10.99 3.47 -7.82
CA ASN A 107 10.15 3.41 -6.58
C ASN A 107 8.65 3.49 -6.86
N LEU A 108 8.26 3.47 -8.13
CA LEU A 108 6.89 3.81 -8.56
C LEU A 108 6.18 2.60 -9.10
N HIS A 109 6.76 1.86 -10.03
CA HIS A 109 6.05 0.80 -10.78
C HIS A 109 6.23 -0.55 -10.14
N PHE A 110 5.23 -1.39 -10.36
CA PHE A 110 5.28 -2.78 -9.95
C PHE A 110 6.50 -3.46 -10.54
N ASN A 111 7.17 -4.26 -9.78
CA ASN A 111 8.37 -4.99 -10.19
C ASN A 111 8.20 -6.42 -9.73
N GLU A 112 8.12 -7.37 -10.66
CA GLU A 112 7.91 -8.79 -10.32
C GLU A 112 9.05 -9.35 -9.51
N ALA A 113 10.29 -9.01 -9.82
CA ALA A 113 11.44 -9.52 -9.10
C ALA A 113 11.37 -9.13 -7.62
N ILE A 114 10.96 -7.92 -7.30
CA ILE A 114 10.76 -7.54 -5.87
C ILE A 114 9.57 -8.34 -5.31
N PHE A 115 8.47 -8.38 -6.05
CA PHE A 115 7.21 -9.01 -5.59
C PHE A 115 7.38 -10.50 -5.35
N ASN A 116 8.42 -11.11 -5.91
CA ASN A 116 8.63 -12.54 -5.76
C ASN A 116 8.62 -12.95 -4.31
N THR A 117 9.16 -12.16 -3.39
CA THR A 117 9.21 -12.52 -2.01
C THR A 117 7.78 -12.68 -1.45
N LEU A 118 6.95 -11.67 -1.63
CA LEU A 118 5.54 -11.77 -1.18
C LEU A 118 4.85 -12.94 -1.93
N ALA A 119 5.05 -13.00 -3.24
CA ALA A 119 4.36 -14.05 -4.04
C ALA A 119 4.60 -15.41 -3.42
N ASN A 120 5.81 -15.71 -3.07
CA ASN A 120 6.22 -17.07 -2.67
C ASN A 120 6.07 -17.26 -1.18
N SER A 121 5.54 -16.28 -0.46
CA SER A 121 5.39 -16.39 0.98
C SER A 121 4.23 -17.38 1.34
N ASN A 122 4.22 -17.77 2.57
CA ASN A 122 3.32 -18.80 3.11
C ASN A 122 3.29 -20.01 2.19
N PRO A 123 4.44 -20.62 1.83
CA PRO A 123 4.40 -21.78 0.95
C PRO A 123 3.55 -22.92 1.54
N GLY A 124 2.75 -23.56 0.71
CA GLY A 124 1.92 -24.69 1.09
C GLY A 124 0.59 -24.26 1.61
N SER A 125 0.28 -22.96 1.69
CA SER A 125 -1.05 -22.47 2.09
C SER A 125 -1.70 -21.85 0.87
N ASP A 126 -3.02 -21.78 0.93
CA ASP A 126 -3.82 -21.05 -0.07
C ASP A 126 -4.06 -19.56 0.28
N VAL A 127 -3.54 -19.11 1.44
CA VAL A 127 -3.69 -17.70 1.84
C VAL A 127 -2.32 -17.13 2.20
N TYR A 128 -2.28 -15.81 2.15
CA TYR A 128 -1.29 -15.02 2.91
C TYR A 128 -1.93 -14.70 4.22
N ASN A 129 -1.16 -14.60 5.30
CA ASN A 129 -1.74 -14.30 6.60
C ASN A 129 -0.77 -13.44 7.41
N ILE A 130 -1.06 -13.23 8.69
CA ILE A 130 -0.24 -12.31 9.48
C ILE A 130 1.18 -12.83 9.56
N THR A 131 1.35 -14.11 9.76
CA THR A 131 2.68 -14.70 9.94
C THR A 131 3.50 -14.52 8.69
N SER A 132 2.96 -14.85 7.53
CA SER A 132 3.70 -14.72 6.30
C SER A 132 3.94 -13.24 6.01
N ALA A 133 2.97 -12.41 6.32
CA ALA A 133 3.17 -10.97 6.05
C ALA A 133 4.37 -10.45 6.86
N GLY A 134 4.53 -10.85 8.10
CA GLY A 134 5.68 -10.45 8.93
C GLY A 134 6.97 -11.02 8.39
N GLN A 135 6.99 -12.23 7.91
CA GLN A 135 8.19 -12.79 7.28
C GLN A 135 8.56 -11.95 6.06
N VAL A 136 7.60 -11.55 5.26
CA VAL A 136 7.89 -10.74 4.09
C VAL A 136 8.48 -9.41 4.55
N LEU A 137 7.89 -8.74 5.53
CA LEU A 137 8.48 -7.46 6.00
CA LEU A 137 8.48 -7.47 6.01
C LEU A 137 9.93 -7.70 6.42
N LYS A 138 10.18 -8.75 7.15
CA LYS A 138 11.53 -9.04 7.61
C LYS A 138 12.47 -9.19 6.41
N ASP A 139 12.10 -9.99 5.45
CA ASP A 139 12.97 -10.27 4.30
C ASP A 139 13.12 -9.06 3.43
N ARG A 140 12.08 -8.27 3.26
CA ARG A 140 12.22 -7.10 2.35
C ARG A 140 13.13 -6.05 3.02
N LEU A 141 12.99 -5.84 4.33
CA LEU A 141 13.88 -4.87 4.97
C LEU A 141 15.32 -5.39 4.96
N ALA A 142 15.52 -6.69 5.20
CA ALA A 142 16.90 -7.23 5.16
C ALA A 142 17.45 -7.00 3.80
N ASP A 143 16.73 -7.15 2.72
CA ASP A 143 17.23 -6.91 1.37
C ASP A 143 17.66 -5.47 1.23
N SER A 144 16.83 -4.51 1.63
CA SER A 144 17.19 -3.10 1.57
C SER A 144 18.44 -2.87 2.40
N LEU A 145 18.54 -3.36 3.60
CA LEU A 145 19.73 -3.08 4.41
C LEU A 145 20.94 -3.67 3.70
N ALA A 146 20.82 -4.78 3.05
CA ALA A 146 21.99 -5.42 2.37
C ALA A 146 22.38 -4.64 1.19
N ARG A 147 21.52 -4.00 0.45
CA ARG A 147 21.85 -3.49 -0.88
C ARG A 147 21.74 -1.99 -1.01
N ASN A 148 21.12 -1.29 -0.07
CA ASN A 148 20.86 0.14 -0.20
C ASN A 148 21.64 0.81 0.92
N PRO A 149 22.70 1.61 0.61
CA PRO A 149 23.43 2.24 1.70
C PRO A 149 22.61 3.38 2.35
N ASN A 150 21.61 3.87 1.63
CA ASN A 150 20.80 5.08 1.97
C ASN A 150 19.42 4.67 2.56
N VAL A 151 19.30 3.47 3.11
CA VAL A 151 17.96 3.02 3.56
CA VAL A 151 17.97 2.95 3.65
C VAL A 151 17.49 3.89 4.75
N THR A 152 16.21 4.22 4.77
CA THR A 152 15.58 4.95 5.86
C THR A 152 14.61 3.99 6.51
N ASN A 153 14.83 3.67 7.76
CA ASN A 153 14.12 2.63 8.51
C ASN A 153 13.87 3.11 9.92
N THR A 154 12.87 3.92 10.10
CA THR A 154 12.44 4.41 11.41
C THR A 154 11.10 3.81 11.78
N GLY A 155 10.62 4.10 12.96
CA GLY A 155 9.27 3.70 13.35
C GLY A 155 8.22 4.24 12.41
N LYS A 156 8.43 5.34 11.73
CA LYS A 156 7.44 5.86 10.78
C LYS A 156 7.29 4.87 9.63
N GLU A 157 8.38 4.56 8.97
CA GLU A 157 8.31 3.63 7.83
C GLU A 157 7.84 2.29 8.28
N PHE A 158 8.27 1.78 9.39
CA PHE A 158 7.85 0.43 9.78
C PHE A 158 6.36 0.47 10.07
N THR A 159 5.85 1.47 10.74
CA THR A 159 4.41 1.55 11.02
C THR A 159 3.66 1.52 9.71
N ILE A 160 4.08 2.33 8.77
CA ILE A 160 3.38 2.38 7.45
C ILE A 160 3.42 1.00 6.79
N ARG A 161 4.59 0.35 6.85
CA ARG A 161 4.74 -0.97 6.17
C ARG A 161 3.79 -2.00 6.79
N THR A 162 3.66 -1.97 8.12
CA THR A 162 2.73 -2.93 8.79
C THR A 162 1.28 -2.62 8.36
N LEU A 163 0.95 -1.35 8.20
CA LEU A 163 -0.45 -0.97 7.83
C LEU A 163 -0.71 -1.36 6.37
N GLU A 164 0.30 -1.17 5.52
CA GLU A 164 0.13 -1.55 4.09
C GLU A 164 -0.08 -3.06 3.98
N SER A 165 0.65 -3.82 4.77
CA SER A 165 0.48 -5.30 4.71
C SER A 165 -0.90 -5.66 5.30
N ALA A 166 -1.31 -4.99 6.37
CA ALA A 166 -2.68 -5.21 6.89
C ALA A 166 -3.71 -4.85 5.81
N PHE A 167 -3.44 -3.81 5.03
CA PHE A 167 -4.35 -3.40 3.93
C PHE A 167 -4.49 -4.51 2.87
N TYR A 168 -3.39 -5.08 2.38
CA TYR A 168 -3.57 -6.07 1.28
C TYR A 168 -4.30 -7.29 1.84
N LEU A 169 -3.97 -7.67 3.08
CA LEU A 169 -4.66 -8.82 3.70
C LEU A 169 -6.13 -8.48 3.85
N SER A 170 -6.46 -7.29 4.27
CA SER A 170 -7.83 -6.92 4.61
C SER A 170 -8.63 -6.68 3.37
N VAL A 171 -8.18 -5.96 2.40
CA VAL A 171 -9.04 -5.59 1.25
CA VAL A 171 -9.00 -5.58 1.26
C VAL A 171 -9.14 -6.76 0.29
N MET A 172 -8.13 -7.56 0.10
CA MET A 172 -8.23 -8.76 -0.77
C MET A 172 -8.71 -9.95 0.01
N GLY A 173 -8.78 -9.90 1.31
CA GLY A 173 -9.10 -11.05 2.14
C GLY A 173 -10.17 -10.77 3.14
N ASN A 174 -9.97 -11.23 4.32
CA ASN A 174 -10.91 -11.09 5.45
C ASN A 174 -10.32 -10.04 6.39
N ALA A 175 -11.05 -8.96 6.55
CA ALA A 175 -10.57 -7.82 7.34
C ALA A 175 -10.63 -8.10 8.86
N THR A 176 -11.26 -9.17 9.28
CA THR A 176 -11.29 -9.53 10.70
C THR A 176 -10.03 -10.37 11.00
N THR A 177 -9.73 -11.36 10.16
CA THR A 177 -8.65 -12.32 10.46
C THR A 177 -7.29 -11.94 9.82
N GLY A 178 -7.28 -11.10 8.82
CA GLY A 178 -6.00 -10.83 8.12
C GLY A 178 -5.56 -11.99 7.29
N GLU A 179 -6.43 -12.80 6.75
CA GLU A 179 -6.07 -13.89 5.81
CA GLU A 179 -6.07 -13.89 5.81
C GLU A 179 -6.60 -13.50 4.44
N ALA A 180 -5.83 -13.66 3.39
CA ALA A 180 -6.27 -13.32 2.05
C ALA A 180 -5.90 -14.40 1.07
N PRO A 181 -6.85 -14.80 0.17
CA PRO A 181 -6.50 -15.74 -0.90
C PRO A 181 -5.30 -15.26 -1.69
N LYS A 182 -4.34 -16.13 -1.91
CA LYS A 182 -3.11 -15.75 -2.62
C LYS A 182 -3.40 -15.23 -3.99
N ASN A 183 -4.31 -15.88 -4.74
CA ASN A 183 -4.51 -15.49 -6.12
C ASN A 183 -5.09 -14.07 -6.20
N PHE A 184 -5.94 -13.71 -5.28
CA PHE A 184 -6.50 -12.34 -5.27
C PHE A 184 -5.37 -11.33 -5.01
N VAL A 185 -4.55 -11.60 -4.01
CA VAL A 185 -3.42 -10.67 -3.73
C VAL A 185 -2.51 -10.54 -4.95
N GLN A 186 -2.20 -11.66 -5.60
CA GLN A 186 -1.36 -11.61 -6.80
C GLN A 186 -1.96 -10.76 -7.90
N ILE A 187 -3.26 -10.93 -8.18
CA ILE A 187 -3.90 -10.11 -9.23
C ILE A 187 -3.87 -8.64 -8.81
N PHE A 188 -4.20 -8.38 -7.56
CA PHE A 188 -4.22 -7.01 -7.03
C PHE A 188 -2.89 -6.30 -7.34
N PHE A 189 -1.79 -6.91 -6.97
CA PHE A 189 -0.48 -6.28 -7.18
C PHE A 189 -0.09 -6.26 -8.65
N ARG A 190 -0.25 -7.40 -9.32
CA ARG A 190 0.31 -7.53 -10.69
C ARG A 190 -0.50 -6.78 -11.70
N GLU A 191 -1.81 -6.73 -11.54
CA GLU A 191 -2.72 -6.13 -12.52
C GLU A 191 -3.37 -4.87 -11.99
N GLU A 192 -3.32 -4.59 -10.69
CA GLU A 192 -4.03 -3.45 -10.06
C GLU A 192 -5.48 -3.46 -10.57
N ARG A 193 -6.09 -4.61 -10.27
CA ARG A 193 -7.45 -4.98 -10.67
C ARG A 193 -8.15 -5.67 -9.50
N LEU A 194 -9.42 -5.40 -9.34
CA LEU A 194 -10.28 -6.16 -8.42
C LEU A 194 -10.60 -7.51 -9.03
N PRO A 195 -10.29 -8.61 -8.35
CA PRO A 195 -10.45 -9.95 -8.99
C PRO A 195 -11.91 -10.46 -9.01
N ILE A 196 -12.78 -9.68 -9.63
CA ILE A 196 -14.25 -9.93 -9.58
C ILE A 196 -14.60 -11.25 -10.29
N GLU A 197 -14.12 -11.43 -11.49
CA GLU A 197 -14.51 -12.68 -12.20
C GLU A 197 -13.99 -13.88 -11.40
N GLU A 198 -12.87 -13.71 -10.70
CA GLU A 198 -12.21 -14.74 -9.89
C GLU A 198 -12.86 -14.98 -8.55
N GLY A 199 -13.89 -14.21 -8.19
CA GLY A 199 -14.69 -14.44 -7.01
C GLY A 199 -14.47 -13.46 -5.88
N TRP A 200 -13.64 -12.43 -6.05
CA TRP A 200 -13.44 -11.45 -4.95
C TRP A 200 -14.72 -10.65 -4.73
N LYS A 201 -15.05 -10.46 -3.49
CA LYS A 201 -16.19 -9.65 -3.06
C LYS A 201 -15.71 -8.54 -2.12
N ARG A 202 -16.21 -7.36 -2.30
CA ARG A 202 -16.00 -6.25 -1.35
C ARG A 202 -16.34 -6.69 0.04
N SER A 203 -15.57 -6.28 1.03
CA SER A 203 -15.85 -6.64 2.43
C SER A 203 -17.26 -6.24 2.83
N THR A 204 -17.99 -7.18 3.46
CA THR A 204 -19.33 -6.82 4.00
C THR A 204 -19.15 -6.30 5.42
N THR A 205 -17.95 -6.29 5.96
CA THR A 205 -17.69 -5.57 7.22
C THR A 205 -16.84 -4.35 6.95
N PRO A 206 -17.13 -3.23 7.57
CA PRO A 206 -16.33 -2.05 7.37
C PRO A 206 -14.89 -2.29 7.81
N ILE A 207 -13.96 -1.75 7.00
CA ILE A 207 -12.51 -1.83 7.32
C ILE A 207 -12.13 -0.49 7.93
N THR A 208 -11.71 -0.55 9.15
CA THR A 208 -11.53 0.66 9.97
C THR A 208 -10.16 0.63 10.62
N SER A 209 -9.83 1.67 11.34
CA SER A 209 -8.60 1.63 12.17
CA SER A 209 -8.63 1.65 12.20
C SER A 209 -8.73 0.55 13.23
N ASP A 210 -9.90 0.26 13.75
CA ASP A 210 -10.02 -0.75 14.79
C ASP A 210 -9.91 -2.17 14.24
N THR A 211 -10.09 -2.40 12.92
CA THR A 211 -9.83 -3.72 12.33
C THR A 211 -8.40 -3.79 11.82
N LEU A 212 -7.91 -2.72 11.24
CA LEU A 212 -6.56 -2.75 10.61
CA LEU A 212 -6.57 -2.71 10.60
C LEU A 212 -5.46 -2.73 11.66
N ASN A 213 -5.60 -1.89 12.69
CA ASN A 213 -4.50 -1.71 13.67
C ASN A 213 -4.13 -2.99 14.37
N PRO A 214 -5.06 -3.86 14.81
CA PRO A 214 -4.67 -5.08 15.48
C PRO A 214 -3.91 -6.02 14.53
N ILE A 215 -4.36 -6.08 13.27
CA ILE A 215 -3.63 -6.89 12.25
C ILE A 215 -2.20 -6.35 12.06
N ALA A 216 -2.09 -5.06 11.89
CA ALA A 216 -0.75 -4.43 11.72
C ALA A 216 0.12 -4.71 12.91
N GLY A 217 -0.46 -4.66 14.12
CA GLY A 217 0.32 -4.95 15.35
C GLY A 217 0.78 -6.35 15.42
N GLN A 218 -0.05 -7.32 15.03
CA GLN A 218 0.39 -8.70 15.01
C GLN A 218 1.45 -8.93 13.92
N ILE A 219 1.29 -8.30 12.77
CA ILE A 219 2.33 -8.36 11.71
C ILE A 219 3.65 -7.82 12.29
N SER A 220 3.56 -6.69 12.98
CA SER A 220 4.78 -6.07 13.54
CA SER A 220 4.78 -6.08 13.56
C SER A 220 5.47 -7.08 14.46
N GLU A 221 4.72 -7.79 15.29
CA GLU A 221 5.31 -8.75 16.25
C GLU A 221 5.94 -9.94 15.57
N ALA A 222 5.58 -10.21 14.31
CA ALA A 222 6.09 -11.32 13.50
C ALA A 222 7.18 -10.87 12.51
N SER A 223 7.68 -9.63 12.63
CA SER A 223 8.62 -9.06 11.64
C SER A 223 10.06 -9.03 12.12
N ASN A 224 10.33 -9.27 13.40
CA ASN A 224 11.73 -9.29 13.90
C ASN A 224 12.42 -7.96 13.54
N TRP A 225 11.72 -6.88 13.80
CA TRP A 225 12.16 -5.54 13.37
C TRP A 225 13.00 -4.84 14.43
N LYS A 226 13.88 -3.99 13.98
CA LYS A 226 14.41 -2.91 14.85
C LYS A 226 14.70 -1.71 13.97
N PRO A 227 14.60 -0.54 14.54
CA PRO A 227 14.85 0.69 13.80
C PRO A 227 16.34 0.92 13.58
N ASN A 228 16.63 1.80 12.64
CA ASN A 228 18.02 2.35 12.58
CA ASN A 228 18.02 2.33 12.57
C ASN A 228 18.07 3.38 13.77
N PRO A 229 18.93 3.14 14.78
CA PRO A 229 18.94 3.99 15.98
C PRO A 229 19.37 5.46 15.79
N ASP A 230 19.94 5.81 14.65
CA ASP A 230 20.49 7.16 14.38
C ASP A 230 19.55 8.00 13.51
N GLN A 231 18.37 7.50 13.14
CA GLN A 231 17.51 8.21 12.16
C GLN A 231 16.25 8.74 12.86
N CYS A 232 15.99 10.04 12.74
CA CYS A 232 14.75 10.65 13.24
C CYS A 232 13.64 10.43 12.20
N PRO A 233 12.47 9.99 12.62
CA PRO A 233 11.37 9.85 11.67
C PRO A 233 11.03 11.22 11.10
N TRP A 234 10.59 11.27 9.84
CA TRP A 234 10.24 12.57 9.24
C TRP A 234 9.30 12.35 8.08
N ILE A 235 8.44 13.31 7.85
CA ILE A 235 7.63 13.38 6.63
C ILE A 235 8.19 14.47 5.72
N VAL A 236 8.75 14.11 4.58
CA VAL A 236 9.21 15.13 3.61
C VAL A 236 8.04 16.02 3.23
N LEU A 237 8.25 17.32 3.30
CA LEU A 237 7.10 18.27 3.25
C LEU A 237 6.84 18.88 1.90
N SER A 238 7.70 18.69 0.95
CA SER A 238 7.48 19.26 -0.40
C SER A 238 8.28 18.50 -1.42
N PRO A 239 7.87 18.49 -2.70
CA PRO A 239 8.71 17.92 -3.72
C PRO A 239 9.63 19.02 -4.26
N ASN A 240 9.70 20.20 -3.61
CA ASN A 240 10.62 21.21 -4.28
C ASN A 240 12.03 21.14 -3.68
N LEU A 241 12.38 20.05 -2.95
CA LEU A 241 13.68 19.87 -2.25
C LEU A 241 14.42 18.72 -2.91
C1 NAG B . -0.37 -18.66 8.51
C2 NAG B . -0.72 -19.05 9.99
C3 NAG B . 0.23 -20.07 10.48
C4 NAG B . 0.24 -21.24 9.54
C5 NAG B . 0.55 -20.81 8.11
C6 NAG B . 0.44 -21.94 7.10
C7 NAG B . -1.76 -17.32 11.35
C8 NAG B . -1.60 -16.12 12.23
N2 NAG B . -0.71 -17.89 10.81
O3 NAG B . -0.21 -20.48 11.81
O4 NAG B . 1.28 -22.17 9.99
O5 NAG B . -0.42 -19.82 7.71
O6 NAG B . -0.82 -22.56 7.14
O7 NAG B . -2.92 -17.80 11.13
C1 NAG B . 0.80 -23.51 10.20
C2 NAG B . 1.96 -24.51 10.15
C3 NAG B . 1.49 -25.94 10.44
C4 NAG B . 0.67 -25.97 11.73
C5 NAG B . -0.44 -24.89 11.67
C6 NAG B . -1.25 -24.80 12.96
C7 NAG B . 3.62 -24.01 8.38
C8 NAG B . 3.95 -24.37 6.96
N2 NAG B . 2.53 -24.60 8.82
O3 NAG B . 2.67 -26.82 10.41
O4 NAG B . 0.14 -27.30 11.86
O5 NAG B . 0.10 -23.57 11.42
O6 NAG B . -0.43 -24.20 13.97
O7 NAG B . 4.25 -23.22 9.05
CHA HEM C . 1.67 1.66 -0.66
CHB HEM C . -2.62 -0.46 -0.08
CHC HEM C . -4.67 3.93 0.42
CHD HEM C . -0.43 6.01 -0.64
C1A HEM C . 0.69 0.74 -0.45
C2A HEM C . 0.94 -0.65 -0.35
C3A HEM C . -0.26 -1.26 -0.17
C4A HEM C . -1.25 -0.24 -0.18
CMA HEM C . -0.50 -2.74 -0.02
CAA HEM C . 2.30 -1.31 -0.39
CBA HEM C . 2.84 -1.46 -1.80
CGA HEM C . 4.23 -2.06 -1.78
O1A HEM C . 4.72 -2.51 -2.81
O2A HEM C . 4.87 -2.12 -0.71
C1B HEM C . -3.55 0.58 0.07
C2B HEM C . -4.94 0.34 0.26
C3B HEM C . -5.54 1.55 0.40
C4B HEM C . -4.46 2.56 0.30
CMB HEM C . -5.63 -0.99 0.30
CAB HEM C . -6.97 1.83 0.64
CBB HEM C . -7.63 2.70 -0.10
C1C HEM C . -3.68 4.88 0.25
C2C HEM C . -3.85 6.27 0.42
C3C HEM C . -2.65 6.86 0.12
C4C HEM C . -1.73 5.81 -0.23
CMC HEM C . -5.14 6.94 0.87
CAC HEM C . -2.33 8.31 0.14
CBC HEM C . -3.19 9.19 -0.35
C1D HEM C . 0.47 4.95 -0.75
C2D HEM C . 1.89 5.18 -1.06
C3D HEM C . 2.47 3.97 -1.06
C4D HEM C . 1.40 3.02 -0.76
CMD HEM C . 2.57 6.51 -1.34
CAD HEM C . 3.93 3.65 -1.32
CBD HEM C . 4.64 3.23 -0.04
CGD HEM C . 5.82 2.37 -0.43
O1D HEM C . 6.95 2.87 -0.57
O2D HEM C . 5.64 1.16 -0.61
NA HEM C . -0.66 0.97 -0.33
NB HEM C . -3.32 1.89 0.11
NC HEM C . -2.41 4.64 -0.13
ND HEM C . 0.21 3.64 -0.58
FE HEM C . -1.47 2.78 -0.21
C1 NAG D . -14.15 -13.38 8.06
C2 NAG D . -15.40 -14.08 7.55
C3 NAG D . -16.45 -14.17 8.67
C4 NAG D . -15.85 -14.76 9.93
C5 NAG D . -14.62 -13.94 10.31
C6 NAG D . -13.93 -14.46 11.57
C7 NAG D . -16.43 -13.92 5.34
C8 NAG D . -17.08 -13.05 4.30
N2 NAG D . -15.98 -13.33 6.44
O3 NAG D . -17.49 -15.01 8.20
O4 NAG D . -16.80 -14.73 11.04
O5 NAG D . -13.70 -14.04 9.17
O6 NAG D . -13.61 -15.85 11.38
O7 NAG D . -16.28 -15.13 5.16
MG MG E . 8.66 2.26 -1.66
#